data_4A15
#
_entry.id   4A15
#
_cell.length_a   79.060
_cell.length_b   79.060
_cell.length_c   175.690
_cell.angle_alpha   90.00
_cell.angle_beta   90.00
_cell.angle_gamma   120.00
#
_symmetry.space_group_name_H-M   'P 65'
#
loop_
_entity.id
_entity.type
_entity.pdbx_description
1 polymer 'ATP-DEPENDENT DNA HELICASE TA0057'
2 polymer "5'-D(*DTP*AP*CP*GP)-3'"
3 non-polymer 'IRON/SULFUR CLUSTER'
4 non-polymer 'SULFATE ION'
5 non-polymer 'CALCIUM ION'
6 water water
#
loop_
_entity_poly.entity_id
_entity_poly.type
_entity_poly.pdbx_seq_one_letter_code
_entity_poly.pdbx_strand_id
1 'polypeptide(L)'
;MYENRQYQVEAIDFLRSSLQKSYGVALESPTGSGKTIMALKSALQYSSERKLKVLYLVRTNSQEEQVIKELRSLSSTMKI
RAIPMQGRVNMCILYRMVDDLHEINAESLAKFCNMKKREVMAGNEAACPYFNFKIRSDETKRFLFDELPTAEEFYDYGER
NNVCPYESMKAALPDADIVIAPYAYFLNRSVAEKFLSHWGVSRNQIVIILDEAHNLPDIGRSIGSFRISVESLNRADREA
QAYGDPELSQKIHVSDLIEMIRSALQSMVSERCGKGDVRIRFQEFMEYMRIMNKRSEREIRSLLNYLYLFGEYVENEKEK
VGKVPFSYCSSVASRIIAFSDQDEEKYAAILSPEDGGYMQAACLDPSGILEVLKESKTIHMSGTLDPFDFYSDITGFEIP
FKKIGEIFPPENRYIAYYDGVSSKYDTLDEKELDRMATVIEDIILKVKKNTIVYFPSYSLMDRVENRVSFEHMKEYRGID
QKELYSMLKKFRRDHGTIFAVSGGRLSEGINFPGNELEMIILAGLPFPRPDAINRSLFDYYERKYGKGWEYSVVYPTAIK
IRQEIGRLIRSAEDTGACVILDKRAGQFRKFIPDMKKTSDPASDIYNFFISAQAREKYGA
;
A
2 'polydeoxyribonucleotide' (DT)(DA)(DC)(DG) E
#
# COMPACT_ATOMS: atom_id res chain seq x y z
N ARG A 5 6.44 25.41 -13.86
CA ARG A 5 7.54 26.41 -14.17
C ARG A 5 8.48 26.69 -12.96
N GLN A 6 8.53 27.93 -12.45
CA GLN A 6 9.63 28.36 -11.55
C GLN A 6 9.87 27.50 -10.30
N TYR A 7 8.79 27.06 -9.66
CA TYR A 7 8.85 26.11 -8.54
C TYR A 7 9.61 24.82 -8.91
N GLN A 8 9.56 24.43 -10.18
CA GLN A 8 10.21 23.20 -10.61
C GLN A 8 11.75 23.35 -10.66
N VAL A 9 12.23 24.48 -11.16
CA VAL A 9 13.67 24.71 -11.23
C VAL A 9 14.33 24.60 -9.85
N GLU A 10 13.80 25.31 -8.85
CA GLU A 10 14.43 25.31 -7.55
C GLU A 10 14.30 23.96 -6.85
N ALA A 11 13.17 23.28 -7.00
CA ALA A 11 13.05 21.93 -6.53
C ALA A 11 14.06 20.97 -7.21
N ILE A 12 14.20 21.05 -8.52
CA ILE A 12 15.19 20.17 -9.19
C ILE A 12 16.60 20.46 -8.71
N ASP A 13 16.92 21.74 -8.51
CA ASP A 13 18.24 22.16 -8.06
C ASP A 13 18.50 21.57 -6.68
N PHE A 14 17.51 21.70 -5.83
CA PHE A 14 17.61 21.22 -4.49
C PHE A 14 17.75 19.70 -4.43
N LEU A 15 16.99 19.00 -5.25
CA LEU A 15 17.04 17.54 -5.34
C LEU A 15 18.42 17.06 -5.85
N ARG A 16 18.87 17.64 -6.95
CA ARG A 16 20.20 17.32 -7.53
C ARG A 16 21.35 17.54 -6.53
N SER A 17 21.44 18.74 -5.94
CA SER A 17 22.56 18.99 -5.05
C SER A 17 22.51 18.14 -3.76
N SER A 18 21.30 17.88 -3.26
CA SER A 18 21.10 17.06 -2.08
C SER A 18 21.65 15.64 -2.25
N LEU A 19 21.52 15.08 -3.46
CA LEU A 19 21.98 13.73 -3.70
C LEU A 19 23.50 13.57 -3.69
N GLN A 20 24.22 14.64 -4.02
CA GLN A 20 25.67 14.59 -3.93
C GLN A 20 26.14 14.43 -2.51
N LYS A 21 25.42 15.03 -1.58
CA LYS A 21 25.88 15.06 -0.20
C LYS A 21 25.01 14.30 0.80
N SER A 22 23.97 13.62 0.33
CA SER A 22 23.20 12.78 1.25
C SER A 22 22.82 11.48 0.59
N TYR A 23 22.40 10.52 1.40
CA TYR A 23 21.92 9.25 0.87
C TYR A 23 20.48 9.36 0.31
N GLY A 24 19.79 10.43 0.62
CA GLY A 24 18.53 10.68 -0.05
C GLY A 24 18.05 12.08 0.12
N VAL A 25 16.82 12.34 -0.34
CA VAL A 25 16.21 13.68 -0.30
C VAL A 25 14.70 13.59 -0.28
N ALA A 26 14.07 14.53 0.39
CA ALA A 26 12.62 14.56 0.52
C ALA A 26 12.11 15.93 0.07
N LEU A 27 11.10 15.88 -0.80
CA LEU A 27 10.48 17.06 -1.38
C LEU A 27 9.01 16.99 -1.18
N GLU A 28 8.44 17.97 -0.48
CA GLU A 28 7.00 18.13 -0.49
C GLU A 28 6.65 19.18 -1.51
N SER A 29 5.61 18.92 -2.29
CA SER A 29 5.18 19.81 -3.37
C SER A 29 3.73 19.46 -3.67
N PRO A 30 2.86 20.47 -3.84
CA PRO A 30 1.44 20.18 -3.88
C PRO A 30 1.00 19.41 -5.11
N THR A 31 -0.24 18.97 -5.08
CA THR A 31 -0.86 18.32 -6.23
C THR A 31 -0.86 19.26 -7.40
N GLY A 32 -0.58 18.70 -8.56
CA GLY A 32 -0.46 19.52 -9.76
C GLY A 32 0.91 20.15 -9.97
N SER A 33 1.88 19.88 -9.10
CA SER A 33 3.22 20.50 -9.24
C SER A 33 4.17 19.72 -10.14
N GLY A 34 3.79 18.49 -10.53
CA GLY A 34 4.63 17.67 -11.39
C GLY A 34 5.77 16.98 -10.64
N LYS A 35 5.42 16.28 -9.56
CA LYS A 35 6.42 15.66 -8.68
C LYS A 35 7.21 14.62 -9.44
N THR A 36 6.49 13.89 -10.26
CA THR A 36 7.06 12.77 -10.98
C THR A 36 8.07 13.30 -12.01
N ILE A 37 7.81 14.43 -12.64
CA ILE A 37 8.80 15.04 -13.55
C ILE A 37 10.01 15.65 -12.82
N MET A 38 9.75 16.32 -11.70
CA MET A 38 10.81 16.87 -10.87
C MET A 38 11.75 15.75 -10.43
N ALA A 39 11.20 14.64 -9.98
CA ALA A 39 11.99 13.51 -9.54
C ALA A 39 12.74 12.90 -10.70
N LEU A 40 12.06 12.72 -11.84
CA LEU A 40 12.64 12.04 -13.00
C LEU A 40 13.82 12.83 -13.51
N LYS A 41 13.63 14.13 -13.71
CA LYS A 41 14.67 15.02 -14.20
C LYS A 41 15.86 15.15 -13.26
N SER A 42 15.61 15.23 -11.95
CA SER A 42 16.66 15.26 -10.97
C SER A 42 17.47 13.96 -10.98
N ALA A 43 16.76 12.84 -10.98
CA ALA A 43 17.35 11.51 -10.93
C ALA A 43 18.07 11.21 -12.21
N LEU A 44 17.43 11.46 -13.35
CA LEU A 44 18.08 11.27 -14.64
C LEU A 44 19.31 12.17 -14.74
N GLN A 45 19.19 13.45 -14.36
CA GLN A 45 20.36 14.34 -14.39
C GLN A 45 21.47 13.71 -13.58
N TYR A 46 21.22 13.57 -12.29
CA TYR A 46 22.14 12.93 -11.36
C TYR A 46 22.69 11.58 -11.82
N SER A 47 21.82 10.72 -12.33
CA SER A 47 22.25 9.37 -12.68
C SER A 47 23.03 9.29 -14.00
N SER A 48 22.84 10.26 -14.89
CA SER A 48 23.57 10.26 -16.16
C SER A 48 25.04 10.62 -15.91
N GLU A 49 25.27 11.52 -14.96
CA GLU A 49 26.62 11.91 -14.59
C GLU A 49 27.41 10.77 -13.99
N ARG A 50 26.76 9.99 -13.14
CA ARG A 50 27.45 8.98 -12.34
C ARG A 50 27.22 7.55 -12.82
N LYS A 51 26.51 7.37 -13.92
CA LYS A 51 26.29 6.04 -14.51
C LYS A 51 25.50 5.10 -13.55
N LEU A 52 24.31 5.58 -13.13
CA LEU A 52 23.41 4.84 -12.27
C LEU A 52 22.07 4.59 -12.99
N LYS A 53 21.38 3.52 -12.61
CA LYS A 53 20.03 3.31 -13.12
C LYS A 53 19.00 3.99 -12.21
N VAL A 54 17.75 4.05 -12.68
CA VAL A 54 16.65 4.65 -11.94
C VAL A 54 15.51 3.65 -11.71
N LEU A 55 15.05 3.56 -10.47
CA LEU A 55 13.96 2.70 -10.06
C LEU A 55 12.93 3.57 -9.45
N TYR A 56 11.70 3.47 -9.95
CA TYR A 56 10.56 4.23 -9.51
C TYR A 56 9.60 3.26 -8.86
N LEU A 57 9.38 3.42 -7.56
CA LEU A 57 8.48 2.53 -6.81
C LEU A 57 7.17 3.16 -6.59
N VAL A 58 6.12 2.40 -6.94
CA VAL A 58 4.75 2.87 -6.85
C VAL A 58 3.93 1.90 -6.04
N ARG A 59 2.87 2.39 -5.42
CA ARG A 59 2.02 1.52 -4.59
C ARG A 59 0.77 0.94 -5.30
N THR A 60 0.20 1.68 -6.25
CA THR A 60 -1.08 1.32 -6.89
C THR A 60 -0.89 1.40 -8.40
N ASN A 61 -1.79 0.79 -9.18
CA ASN A 61 -1.65 0.88 -10.65
C ASN A 61 -1.97 2.27 -11.17
N SER A 62 -2.84 2.96 -10.45
CA SER A 62 -3.07 4.38 -10.72
C SER A 62 -1.79 5.24 -10.60
N GLN A 63 -0.96 5.02 -9.55
CA GLN A 63 0.33 5.75 -9.43
C GLN A 63 1.25 5.28 -10.55
N GLU A 64 1.12 4.01 -10.89
CA GLU A 64 1.92 3.42 -11.96
C GLU A 64 1.65 4.05 -13.32
N GLU A 65 0.37 4.20 -13.64
CA GLU A 65 -0.06 4.79 -14.91
C GLU A 65 0.32 6.28 -14.98
N GLN A 66 0.15 7.00 -13.86
CA GLN A 66 0.58 8.40 -13.84
C GLN A 66 2.04 8.51 -14.24
N VAL A 67 2.90 7.70 -13.65
CA VAL A 67 4.33 7.81 -13.88
C VAL A 67 4.69 7.40 -15.30
N ILE A 68 4.04 6.34 -15.77
CA ILE A 68 4.33 5.81 -17.10
C ILE A 68 3.89 6.79 -18.19
N LYS A 69 2.81 7.52 -17.96
CA LYS A 69 2.42 8.63 -18.86
C LYS A 69 3.51 9.70 -18.94
N GLU A 70 4.00 10.16 -17.78
CA GLU A 70 5.05 11.19 -17.78
C GLU A 70 6.26 10.73 -18.55
N LEU A 71 6.65 9.47 -18.29
CA LEU A 71 7.79 8.87 -18.95
C LEU A 71 7.62 8.74 -20.46
N ARG A 72 6.38 8.52 -20.90
CA ARG A 72 6.10 8.38 -22.36
C ARG A 72 6.39 9.70 -23.09
N SER A 73 6.01 10.82 -22.46
CA SER A 73 6.31 12.17 -22.98
C SER A 73 7.80 12.41 -23.14
N LEU A 74 8.54 12.29 -22.04
CA LEU A 74 9.98 12.45 -22.08
C LEU A 74 10.60 11.67 -23.24
N SER A 75 9.97 10.56 -23.61
CA SER A 75 10.45 9.68 -24.71
C SER A 75 10.64 10.38 -26.05
N SER A 76 9.81 11.37 -26.34
CA SER A 76 9.97 12.24 -27.51
C SER A 76 11.09 13.25 -27.26
N THR A 77 11.09 13.83 -26.06
CA THR A 77 12.09 14.80 -25.61
C THR A 77 13.50 14.20 -25.59
N MET A 78 13.59 12.95 -25.11
CA MET A 78 14.87 12.24 -24.92
C MET A 78 14.69 10.73 -24.98
N LYS A 79 15.79 10.00 -25.13
CA LYS A 79 15.66 8.56 -25.28
C LYS A 79 15.57 7.89 -23.91
N ILE A 80 14.49 7.15 -23.75
CA ILE A 80 14.03 6.67 -22.48
C ILE A 80 13.92 5.17 -22.64
N ARG A 81 14.74 4.45 -21.89
CA ARG A 81 14.74 2.99 -21.90
C ARG A 81 14.13 2.48 -20.59
N ALA A 82 12.79 2.52 -20.51
CA ALA A 82 11.98 2.17 -19.32
C ALA A 82 11.04 0.97 -19.52
N ILE A 83 10.97 0.10 -18.50
CA ILE A 83 9.95 -0.95 -18.48
C ILE A 83 9.31 -1.08 -17.14
N PRO A 84 8.08 -1.64 -17.13
CA PRO A 84 7.51 -2.07 -15.90
C PRO A 84 8.18 -3.36 -15.49
N MET A 85 8.26 -3.58 -14.19
CA MET A 85 8.67 -4.88 -13.65
C MET A 85 7.73 -5.25 -12.52
N GLN A 86 7.22 -6.48 -12.58
CA GLN A 86 6.45 -7.10 -11.48
C GLN A 86 6.80 -8.58 -11.38
N GLY A 87 6.54 -9.16 -10.23
CA GLY A 87 6.88 -10.56 -9.96
C GLY A 87 5.92 -11.57 -10.57
N ARG A 88 6.21 -12.86 -10.37
CA ARG A 88 5.43 -13.90 -11.03
C ARG A 88 4.03 -13.97 -10.46
N VAL A 89 3.82 -13.58 -9.20
CA VAL A 89 2.45 -13.58 -8.60
C VAL A 89 1.44 -12.82 -9.45
N ASN A 90 1.88 -11.72 -10.06
CA ASN A 90 1.02 -10.93 -10.97
C ASN A 90 1.24 -11.20 -12.45
N MET A 91 2.44 -11.61 -12.84
CA MET A 91 2.82 -11.70 -14.26
C MET A 91 2.96 -13.09 -14.87
N CYS A 92 3.03 -14.14 -14.05
CA CYS A 92 2.94 -15.50 -14.54
C CYS A 92 1.53 -15.81 -14.95
N ILE A 93 1.34 -16.08 -16.24
CA ILE A 93 0.01 -16.43 -16.76
C ILE A 93 -0.34 -17.86 -16.41
N LEU A 94 0.66 -18.70 -16.33
CA LEU A 94 0.38 -20.11 -16.30
C LEU A 94 -0.26 -20.59 -15.01
N TYR A 95 0.17 -20.08 -13.87
CA TYR A 95 -0.07 -20.84 -12.62
C TYR A 95 -1.51 -20.76 -12.13
N ARG A 96 -2.16 -19.60 -12.33
CA ARG A 96 -3.61 -19.46 -12.08
C ARG A 96 -4.47 -20.25 -13.07
N MET A 97 -3.85 -20.78 -14.13
CA MET A 97 -4.48 -21.74 -15.05
C MET A 97 -4.51 -23.18 -14.58
N VAL A 98 -3.36 -23.61 -14.05
CA VAL A 98 -3.14 -24.97 -13.56
C VAL A 98 -3.44 -25.13 -12.06
N ASP A 99 -3.82 -24.05 -11.37
CA ASP A 99 -4.01 -24.14 -9.91
C ASP A 99 -4.79 -22.92 -9.35
N ASP A 100 -5.51 -23.14 -8.24
CA ASP A 100 -6.33 -22.11 -7.59
C ASP A 100 -5.96 -21.97 -6.09
N LEU A 101 -4.68 -21.76 -5.84
CA LEU A 101 -4.19 -21.59 -4.48
C LEU A 101 -4.64 -20.23 -3.92
N HIS A 102 -4.93 -20.22 -2.63
CA HIS A 102 -5.41 -19.02 -1.89
C HIS A 102 -4.29 -18.24 -1.21
N GLU A 103 -3.07 -18.73 -1.35
CA GLU A 103 -1.90 -18.04 -0.87
C GLU A 103 -0.83 -18.48 -1.79
N ILE A 104 0.20 -17.66 -1.93
CA ILE A 104 1.24 -17.92 -2.87
C ILE A 104 2.47 -17.18 -2.40
N ASN A 105 3.62 -17.56 -2.94
CA ASN A 105 4.83 -16.84 -2.72
C ASN A 105 5.75 -16.95 -3.95
N ALA A 106 6.79 -16.12 -3.98
CA ALA A 106 7.62 -15.96 -5.16
C ALA A 106 8.51 -17.18 -5.42
N GLU A 107 8.93 -17.81 -4.33
CA GLU A 107 9.85 -18.94 -4.33
C GLU A 107 9.17 -20.18 -4.90
N SER A 108 7.92 -20.46 -4.49
CA SER A 108 7.14 -21.52 -5.07
C SER A 108 6.93 -21.34 -6.57
N LEU A 109 6.79 -20.09 -7.00
CA LEU A 109 6.58 -19.81 -8.39
C LEU A 109 7.85 -19.91 -9.19
N ALA A 110 9.01 -19.55 -8.59
CA ALA A 110 10.30 -19.80 -9.25
C ALA A 110 10.51 -21.27 -9.52
N LYS A 111 10.21 -22.11 -8.51
CA LYS A 111 10.39 -23.55 -8.67
C LYS A 111 9.47 -24.06 -9.77
N PHE A 112 8.21 -23.64 -9.71
CA PHE A 112 7.22 -24.04 -10.70
C PHE A 112 7.60 -23.63 -12.14
N CYS A 113 7.98 -22.38 -12.32
CA CYS A 113 8.38 -21.86 -13.63
C CYS A 113 9.59 -22.54 -14.19
N ASN A 114 10.62 -22.69 -13.34
CA ASN A 114 11.88 -23.31 -13.75
C ASN A 114 11.64 -24.73 -14.22
N MET A 115 10.75 -25.44 -13.56
CA MET A 115 10.41 -26.78 -14.02
C MET A 115 9.69 -26.73 -15.37
N LYS A 116 8.72 -25.81 -15.51
CA LYS A 116 7.99 -25.67 -16.79
C LYS A 116 8.95 -25.38 -17.93
N LYS A 117 9.91 -24.50 -17.69
CA LYS A 117 10.87 -24.09 -18.71
C LYS A 117 11.79 -25.25 -19.09
N ARG A 118 12.17 -26.09 -18.12
CA ARG A 118 12.92 -27.30 -18.41
C ARG A 118 12.10 -28.24 -19.32
N GLU A 119 10.81 -28.42 -19.03
CA GLU A 119 9.98 -29.29 -19.85
C GLU A 119 9.86 -28.77 -21.30
N VAL A 120 9.70 -27.47 -21.45
CA VAL A 120 9.69 -26.83 -22.76
C VAL A 120 11.03 -27.05 -23.45
N MET A 121 12.14 -26.83 -22.73
CA MET A 121 13.48 -27.04 -23.30
C MET A 121 13.68 -28.50 -23.74
N ALA A 122 13.09 -29.43 -23.01
CA ALA A 122 13.15 -30.86 -23.32
C ALA A 122 12.20 -31.26 -24.47
N GLY A 123 11.54 -30.29 -25.10
CA GLY A 123 10.67 -30.57 -26.23
C GLY A 123 9.19 -30.78 -25.94
N ASN A 124 8.72 -30.41 -24.75
CA ASN A 124 7.26 -30.33 -24.48
C ASN A 124 6.77 -28.85 -24.41
N GLU A 125 6.81 -28.19 -25.57
CA GLU A 125 6.44 -26.78 -25.75
C GLU A 125 5.05 -26.36 -25.18
N ALA A 126 4.09 -27.29 -25.14
CA ALA A 126 2.78 -27.04 -24.48
C ALA A 126 2.80 -26.95 -22.94
N ALA A 127 3.87 -27.42 -22.29
CA ALA A 127 3.97 -27.39 -20.83
C ALA A 127 3.75 -25.94 -20.37
N CYS A 128 4.45 -25.01 -20.99
CA CYS A 128 4.11 -23.58 -20.82
C CYS A 128 4.19 -22.93 -22.19
N PRO A 129 3.02 -22.66 -22.80
CA PRO A 129 3.00 -22.17 -24.18
C PRO A 129 3.36 -20.70 -24.31
N TYR A 130 3.50 -20.03 -23.16
CA TYR A 130 3.95 -18.68 -23.05
C TYR A 130 5.48 -18.59 -23.07
N PHE A 131 6.16 -19.71 -22.90
CA PHE A 131 7.64 -19.70 -22.86
C PHE A 131 8.17 -20.15 -24.20
N ASN A 132 8.57 -19.15 -24.98
CA ASN A 132 8.88 -19.35 -26.36
C ASN A 132 9.79 -18.16 -26.79
N PHE A 133 10.24 -18.17 -28.06
CA PHE A 133 11.18 -17.20 -28.61
C PHE A 133 10.68 -15.76 -28.54
N LYS A 134 9.36 -15.56 -28.49
CA LYS A 134 8.83 -14.22 -28.38
C LYS A 134 9.32 -13.46 -27.15
N ILE A 135 9.68 -14.16 -26.09
CA ILE A 135 10.22 -13.53 -24.88
C ILE A 135 11.41 -12.61 -25.21
N ARG A 136 12.11 -12.92 -26.31
CA ARG A 136 13.31 -12.19 -26.69
C ARG A 136 13.21 -11.53 -28.07
N SER A 137 12.02 -11.48 -28.65
CA SER A 137 11.88 -10.96 -30.02
C SER A 137 11.90 -9.43 -30.07
N ASP A 138 12.27 -8.92 -31.22
CA ASP A 138 12.26 -7.50 -31.48
C ASP A 138 10.85 -6.95 -31.35
N GLU A 139 9.83 -7.72 -31.76
CA GLU A 139 8.42 -7.30 -31.57
C GLU A 139 8.12 -7.01 -30.09
N THR A 140 8.53 -7.95 -29.22
CA THR A 140 8.26 -7.86 -27.79
C THR A 140 9.07 -6.73 -27.16
N LYS A 141 10.36 -6.65 -27.51
CA LYS A 141 11.24 -5.60 -26.97
C LYS A 141 10.82 -4.23 -27.43
N ARG A 142 10.36 -4.10 -28.69
CA ARG A 142 9.91 -2.80 -29.19
C ARG A 142 8.67 -2.29 -28.51
N PHE A 143 7.70 -3.18 -28.27
CA PHE A 143 6.47 -2.85 -27.55
C PHE A 143 6.79 -2.37 -26.14
N LEU A 144 7.59 -3.12 -25.39
CA LEU A 144 8.04 -2.65 -24.07
C LEU A 144 8.68 -1.27 -24.12
N PHE A 145 9.75 -1.16 -24.88
CA PHE A 145 10.59 0.04 -24.86
C PHE A 145 10.03 1.24 -25.60
N ASP A 146 9.36 1.02 -26.73
CA ASP A 146 8.72 2.12 -27.48
C ASP A 146 7.33 2.48 -26.95
N GLU A 147 6.51 1.47 -26.65
CA GLU A 147 5.16 1.73 -26.12
C GLU A 147 5.15 2.02 -24.60
N LEU A 148 6.07 1.41 -23.86
CA LEU A 148 6.15 1.53 -22.39
C LEU A 148 4.79 1.25 -21.74
N PRO A 149 4.33 0.01 -21.87
CA PRO A 149 3.09 -0.40 -21.25
C PRO A 149 3.19 -0.38 -19.72
N THR A 150 2.02 -0.28 -19.05
CA THR A 150 1.94 -0.56 -17.64
C THR A 150 2.15 -2.07 -17.51
N ALA A 151 2.40 -2.57 -16.30
CA ALA A 151 2.51 -4.02 -16.15
C ALA A 151 1.16 -4.69 -16.53
N GLU A 152 0.04 -4.07 -16.18
CA GLU A 152 -1.30 -4.60 -16.53
C GLU A 152 -1.48 -4.69 -18.06
N GLU A 153 -1.08 -3.63 -18.76
CA GLU A 153 -1.24 -3.61 -20.18
C GLU A 153 -0.32 -4.64 -20.79
N PHE A 154 0.85 -4.84 -20.20
CA PHE A 154 1.82 -5.80 -20.78
C PHE A 154 1.36 -7.21 -20.55
N TYR A 155 0.75 -7.44 -19.39
CA TYR A 155 0.16 -8.76 -19.13
C TYR A 155 -0.90 -9.06 -20.18
N ASP A 156 -1.79 -8.09 -20.38
CA ASP A 156 -2.81 -8.19 -21.43
C ASP A 156 -2.19 -8.40 -22.83
N TYR A 157 -1.12 -7.69 -23.14
CA TYR A 157 -0.38 -7.92 -24.40
C TYR A 157 0.18 -9.33 -24.48
N GLY A 158 0.78 -9.77 -23.40
CA GLY A 158 1.32 -11.12 -23.34
C GLY A 158 0.28 -12.21 -23.53
N GLU A 159 -0.90 -12.06 -22.94
CA GLU A 159 -1.95 -13.06 -23.15
C GLU A 159 -2.29 -13.11 -24.60
N ARG A 160 -2.52 -11.93 -25.16
CA ARG A 160 -3.00 -11.88 -26.53
C ARG A 160 -1.93 -12.41 -27.51
N ASN A 161 -0.66 -12.19 -27.25
CA ASN A 161 0.39 -12.66 -28.18
C ASN A 161 1.04 -14.02 -27.82
N ASN A 162 0.46 -14.74 -26.86
CA ASN A 162 0.99 -16.03 -26.37
C ASN A 162 2.45 -15.93 -25.97
N VAL A 163 2.81 -14.89 -25.20
CA VAL A 163 4.19 -14.68 -24.70
C VAL A 163 4.14 -14.23 -23.23
N CYS A 164 5.07 -14.77 -22.45
CA CYS A 164 5.04 -14.60 -21.01
C CYS A 164 5.47 -13.22 -20.62
N PRO A 165 4.62 -12.49 -19.88
CA PRO A 165 5.01 -11.14 -19.53
C PRO A 165 6.23 -11.10 -18.58
N TYR A 166 6.27 -11.99 -17.59
CA TYR A 166 7.31 -12.01 -16.58
C TYR A 166 8.68 -12.19 -17.21
N GLU A 167 8.81 -13.26 -17.98
CA GLU A 167 10.10 -13.56 -18.63
C GLU A 167 10.52 -12.49 -19.63
N SER A 168 9.55 -11.90 -20.31
CA SER A 168 9.81 -10.82 -21.28
C SER A 168 10.34 -9.60 -20.55
N MET A 169 9.71 -9.28 -19.43
CA MET A 169 10.21 -8.14 -18.62
C MET A 169 11.65 -8.39 -18.19
N LYS A 170 11.89 -9.60 -17.66
CA LYS A 170 13.20 -10.03 -17.20
C LYS A 170 14.24 -10.02 -18.31
N ALA A 171 13.88 -10.43 -19.53
CA ALA A 171 14.84 -10.43 -20.64
C ALA A 171 15.17 -9.01 -21.08
N ALA A 172 14.26 -8.05 -20.88
CA ALA A 172 14.51 -6.66 -21.38
C ALA A 172 15.27 -5.84 -20.39
N LEU A 173 15.36 -6.36 -19.16
CA LEU A 173 15.77 -5.57 -18.00
C LEU A 173 17.24 -5.19 -18.04
N PRO A 174 18.14 -6.10 -18.49
CA PRO A 174 19.51 -5.60 -18.62
C PRO A 174 19.63 -4.35 -19.51
N ASP A 175 18.74 -4.19 -20.50
CA ASP A 175 18.75 -3.04 -21.40
C ASP A 175 17.81 -1.90 -20.99
N ALA A 176 17.25 -1.95 -19.79
CA ALA A 176 16.42 -0.85 -19.27
C ALA A 176 17.29 0.04 -18.38
N ASP A 177 17.16 1.36 -18.51
CA ASP A 177 17.82 2.30 -17.57
C ASP A 177 16.89 2.66 -16.42
N ILE A 178 15.59 2.44 -16.63
CA ILE A 178 14.53 2.87 -15.78
C ILE A 178 13.55 1.69 -15.63
N VAL A 179 13.15 1.44 -14.39
CA VAL A 179 12.18 0.43 -14.04
C VAL A 179 11.10 1.04 -13.13
N ILE A 180 9.85 0.76 -13.45
CA ILE A 180 8.69 1.08 -12.57
C ILE A 180 8.19 -0.24 -11.96
N ALA A 181 8.39 -0.38 -10.64
CA ALA A 181 8.00 -1.59 -9.87
C ALA A 181 7.19 -1.25 -8.62
N PRO A 182 6.37 -2.22 -8.16
CA PRO A 182 5.66 -2.03 -6.94
C PRO A 182 6.60 -2.06 -5.77
N TYR A 183 6.28 -1.23 -4.77
CA TYR A 183 6.97 -1.29 -3.47
C TYR A 183 7.08 -2.69 -2.91
N ALA A 184 5.97 -3.40 -2.97
CA ALA A 184 5.83 -4.81 -2.57
C ALA A 184 6.77 -5.75 -3.28
N TYR A 185 7.09 -5.46 -4.54
CA TYR A 185 8.08 -6.25 -5.30
C TYR A 185 9.48 -5.99 -4.78
N PHE A 186 9.89 -4.73 -4.77
CA PHE A 186 11.27 -4.43 -4.51
C PHE A 186 11.66 -4.64 -3.06
N LEU A 187 10.72 -4.41 -2.15
CA LEU A 187 11.01 -4.47 -0.70
C LEU A 187 10.97 -5.90 -0.19
N ASN A 188 10.61 -6.85 -1.06
CA ASN A 188 10.82 -8.25 -0.81
C ASN A 188 12.27 -8.64 -1.13
N ARG A 189 13.05 -8.78 -0.08
CA ARG A 189 14.52 -8.76 -0.20
C ARG A 189 15.00 -9.94 -1.03
N SER A 190 14.36 -11.09 -0.85
CA SER A 190 14.70 -12.26 -1.65
C SER A 190 14.57 -11.95 -3.13
N VAL A 191 13.35 -11.52 -3.48
CA VAL A 191 13.03 -11.13 -4.84
C VAL A 191 13.94 -10.00 -5.29
N ALA A 192 14.15 -9.03 -4.41
CA ALA A 192 14.97 -7.84 -4.71
C ALA A 192 16.32 -8.20 -5.26
N GLU A 193 16.97 -9.19 -4.65
CA GLU A 193 18.36 -9.54 -4.99
C GLU A 193 18.46 -10.23 -6.34
N LYS A 194 17.56 -11.16 -6.62
CA LYS A 194 17.45 -11.75 -7.99
C LYS A 194 17.20 -10.66 -8.98
N PHE A 195 16.31 -9.74 -8.62
CA PHE A 195 15.96 -8.65 -9.50
C PHE A 195 17.14 -7.72 -9.81
N LEU A 196 17.92 -7.37 -8.79
CA LEU A 196 19.15 -6.53 -9.00
C LEU A 196 20.16 -7.28 -9.85
N SER A 197 20.21 -8.58 -9.66
CA SER A 197 21.12 -9.40 -10.39
C SER A 197 20.73 -9.52 -11.86
N HIS A 198 19.46 -9.79 -12.17
CA HIS A 198 19.06 -9.74 -13.55
C HIS A 198 19.20 -8.35 -14.11
N TRP A 199 19.10 -7.31 -13.27
CA TRP A 199 19.29 -5.95 -13.78
C TRP A 199 20.75 -5.73 -14.08
N GLY A 200 21.61 -6.45 -13.35
CA GLY A 200 23.05 -6.39 -13.58
C GLY A 200 23.62 -5.22 -12.81
N VAL A 201 22.99 -4.89 -11.68
CA VAL A 201 23.30 -3.66 -10.98
C VAL A 201 23.32 -3.93 -9.47
N SER A 202 24.11 -3.13 -8.76
CA SER A 202 24.17 -3.16 -7.30
C SER A 202 23.25 -2.08 -6.73
N ARG A 203 23.00 -2.14 -5.43
CA ARG A 203 22.14 -1.11 -4.81
C ARG A 203 22.79 0.27 -4.86
N ASN A 204 24.11 0.28 -4.69
CA ASN A 204 24.98 1.45 -4.89
C ASN A 204 24.75 2.17 -6.19
N GLN A 205 24.22 1.47 -7.18
CA GLN A 205 24.19 1.97 -8.54
C GLN A 205 22.81 2.32 -8.99
N ILE A 206 21.90 2.58 -8.04
CA ILE A 206 20.60 3.08 -8.44
C ILE A 206 20.09 4.28 -7.62
N VAL A 207 19.27 5.08 -8.28
CA VAL A 207 18.51 6.10 -7.65
C VAL A 207 17.09 5.59 -7.61
N ILE A 208 16.51 5.54 -6.43
CA ILE A 208 15.18 5.03 -6.23
C ILE A 208 14.24 6.18 -5.96
N ILE A 209 13.18 6.29 -6.74
CA ILE A 209 12.15 7.29 -6.48
C ILE A 209 10.96 6.65 -5.80
N LEU A 210 10.68 7.16 -4.60
CA LEU A 210 9.63 6.74 -3.73
C LEU A 210 8.42 7.62 -4.00
N ASP A 211 7.56 7.13 -4.86
CA ASP A 211 6.33 7.84 -5.15
C ASP A 211 5.42 7.87 -3.92
N GLU A 212 4.70 8.97 -3.75
CA GLU A 212 3.74 9.11 -2.66
C GLU A 212 4.25 8.53 -1.32
N ALA A 213 5.43 9.03 -0.96
CA ALA A 213 6.27 8.62 0.17
C ALA A 213 5.64 8.78 1.50
N HIS A 214 4.60 9.59 1.59
CA HIS A 214 3.85 9.71 2.80
C HIS A 214 3.23 8.38 3.23
N ASN A 215 3.10 7.45 2.28
CA ASN A 215 2.72 6.07 2.59
C ASN A 215 3.89 5.19 3.03
N LEU A 216 5.13 5.64 2.91
CA LEU A 216 6.26 4.78 3.25
C LEU A 216 6.21 4.09 4.65
N PRO A 217 5.76 4.81 5.70
CA PRO A 217 5.66 4.14 6.98
C PRO A 217 4.72 2.92 6.93
N ASP A 218 3.52 3.11 6.37
CA ASP A 218 2.53 2.04 6.33
C ASP A 218 2.92 0.92 5.36
N ILE A 219 3.64 1.26 4.29
CA ILE A 219 4.17 0.25 3.38
C ILE A 219 5.19 -0.62 4.13
N GLY A 220 6.07 -0.01 4.91
CA GLY A 220 7.00 -0.78 5.74
C GLY A 220 6.29 -1.66 6.77
N ARG A 221 5.30 -1.11 7.47
CA ARG A 221 4.62 -1.86 8.53
C ARG A 221 3.90 -3.05 7.91
N SER A 222 3.33 -2.80 6.74
CA SER A 222 2.53 -3.79 6.05
C SER A 222 3.42 -4.93 5.54
N ILE A 223 4.53 -4.64 4.88
CA ILE A 223 5.36 -5.75 4.42
C ILE A 223 6.05 -6.43 5.64
N GLY A 224 6.22 -5.72 6.74
CA GLY A 224 6.79 -6.32 7.94
C GLY A 224 5.82 -7.11 8.82
N SER A 225 4.51 -6.92 8.63
CA SER A 225 3.55 -7.63 9.45
C SER A 225 3.22 -8.96 8.83
N PHE A 226 2.84 -9.92 9.66
CA PHE A 226 2.32 -11.20 9.16
C PHE A 226 1.31 -11.72 10.14
N ARG A 227 0.49 -12.66 9.72
CA ARG A 227 -0.53 -13.18 10.62
C ARG A 227 -0.71 -14.66 10.38
N ILE A 228 -1.32 -15.30 11.37
CA ILE A 228 -1.84 -16.65 11.21
C ILE A 228 -3.33 -16.67 11.48
N SER A 229 -4.10 -17.03 10.47
CA SER A 229 -5.56 -17.13 10.60
C SER A 229 -6.06 -18.57 10.75
N VAL A 230 -7.27 -18.70 11.28
CA VAL A 230 -7.93 -19.99 11.36
C VAL A 230 -8.06 -20.58 9.95
N GLU A 231 -8.40 -19.75 8.95
CA GLU A 231 -8.65 -20.30 7.61
C GLU A 231 -7.38 -20.85 7.06
N SER A 232 -6.27 -20.15 7.25
CA SER A 232 -4.96 -20.72 6.85
C SER A 232 -4.73 -22.07 7.50
N LEU A 233 -5.11 -22.19 8.77
CA LEU A 233 -4.97 -23.49 9.47
C LEU A 233 -5.79 -24.57 8.81
N ASN A 234 -6.97 -24.19 8.34
CA ASN A 234 -7.88 -25.14 7.73
C ASN A 234 -7.34 -25.64 6.42
N ARG A 235 -6.71 -24.74 5.65
CA ARG A 235 -6.13 -25.16 4.38
C ARG A 235 -4.95 -26.09 4.61
N ALA A 236 -4.17 -25.81 5.66
CA ALA A 236 -3.09 -26.72 6.09
C ALA A 236 -3.64 -28.10 6.45
N ASP A 237 -4.79 -28.12 7.11
CA ASP A 237 -5.44 -29.38 7.56
C ASP A 237 -5.75 -30.25 6.35
N ARG A 238 -6.37 -29.66 5.33
CA ARG A 238 -6.66 -30.34 4.06
C ARG A 238 -5.40 -30.84 3.37
N GLU A 239 -4.44 -29.95 3.21
CA GLU A 239 -3.14 -30.33 2.70
C GLU A 239 -2.56 -31.54 3.47
N ALA A 240 -2.66 -31.53 4.79
CA ALA A 240 -2.15 -32.64 5.60
C ALA A 240 -2.78 -33.97 5.21
N GLN A 241 -4.11 -34.01 5.09
CA GLN A 241 -4.80 -35.24 4.65
C GLN A 241 -4.33 -35.68 3.26
N ALA A 242 -4.22 -34.74 2.32
CA ALA A 242 -3.88 -35.13 0.96
C ALA A 242 -2.50 -35.73 0.86
N TYR A 243 -1.61 -35.34 1.78
CA TYR A 243 -0.21 -35.75 1.69
C TYR A 243 0.25 -36.81 2.69
N GLY A 244 -0.72 -37.46 3.33
CA GLY A 244 -0.49 -38.70 4.09
C GLY A 244 -0.68 -38.60 5.58
N ASP A 245 -0.90 -37.39 6.08
CA ASP A 245 -1.00 -37.04 7.50
C ASP A 245 -0.14 -37.87 8.41
N PRO A 246 1.20 -37.78 8.21
CA PRO A 246 2.13 -38.57 9.01
C PRO A 246 2.27 -38.14 10.47
N GLU A 247 2.75 -39.07 11.28
CA GLU A 247 3.18 -38.80 12.61
C GLU A 247 4.37 -37.85 12.52
N LEU A 248 4.35 -36.80 13.35
CA LEU A 248 5.51 -35.98 13.56
C LEU A 248 6.31 -36.49 14.75
N SER A 249 5.64 -37.08 15.73
CA SER A 249 6.27 -37.58 16.94
C SER A 249 5.26 -38.30 17.82
N GLN A 250 5.77 -38.86 18.91
CA GLN A 250 4.91 -39.39 19.95
C GLN A 250 3.74 -40.15 19.30
N LYS A 251 2.50 -39.68 19.39
CA LYS A 251 1.46 -40.16 18.48
C LYS A 251 0.73 -38.93 17.93
N ILE A 252 1.50 -37.88 17.66
CA ILE A 252 0.95 -36.65 17.16
C ILE A 252 1.17 -36.57 15.65
N HIS A 253 0.07 -36.66 14.93
CA HIS A 253 0.10 -36.49 13.49
C HIS A 253 0.04 -35.04 13.10
N VAL A 254 0.38 -34.74 11.85
CA VAL A 254 0.29 -33.35 11.36
C VAL A 254 -1.08 -32.72 11.66
N SER A 255 -2.17 -33.45 11.40
CA SER A 255 -3.52 -32.95 11.65
C SER A 255 -3.79 -32.69 13.16
N ASP A 256 -3.25 -33.53 14.03
CA ASP A 256 -3.32 -33.24 15.47
C ASP A 256 -2.60 -31.93 15.84
N LEU A 257 -1.39 -31.75 15.31
CA LEU A 257 -0.67 -30.51 15.56
C LEU A 257 -1.49 -29.33 15.08
N ILE A 258 -2.08 -29.46 13.88
CA ILE A 258 -2.88 -28.34 13.32
C ILE A 258 -4.08 -28.03 14.21
N GLU A 259 -4.68 -29.07 14.75
CA GLU A 259 -5.83 -28.93 15.62
C GLU A 259 -5.39 -28.22 16.88
N MET A 260 -4.27 -28.64 17.46
CA MET A 260 -3.70 -27.96 18.62
C MET A 260 -3.56 -26.46 18.36
N ILE A 261 -2.97 -26.10 17.22
CA ILE A 261 -2.71 -24.71 16.85
C ILE A 261 -4.03 -23.95 16.74
N ARG A 262 -4.98 -24.55 16.01
CA ARG A 262 -6.25 -23.89 15.77
C ARG A 262 -7.02 -23.74 17.06
N SER A 263 -7.05 -24.79 17.85
CA SER A 263 -7.86 -24.72 19.02
C SER A 263 -7.27 -23.70 20.01
N ALA A 264 -5.94 -23.59 20.07
CA ALA A 264 -5.27 -22.58 20.88
C ALA A 264 -5.64 -21.21 20.39
N LEU A 265 -5.56 -21.00 19.08
CA LEU A 265 -5.94 -19.69 18.55
C LEU A 265 -7.40 -19.37 18.88
N GLN A 266 -8.28 -20.33 18.69
CA GLN A 266 -9.72 -20.13 18.92
C GLN A 266 -9.96 -19.84 20.37
N SER A 267 -9.32 -20.60 21.27
CA SER A 267 -9.47 -20.33 22.70
C SER A 267 -8.96 -18.96 23.07
N MET A 268 -7.82 -18.56 22.53
CA MET A 268 -7.30 -17.23 22.82
C MET A 268 -8.29 -16.14 22.43
N VAL A 269 -8.85 -16.25 21.23
CA VAL A 269 -9.79 -15.26 20.74
C VAL A 269 -11.04 -15.23 21.61
N SER A 270 -11.55 -16.41 21.98
CA SER A 270 -12.78 -16.47 22.78
C SER A 270 -12.62 -15.89 24.19
N GLU A 271 -11.41 -15.96 24.72
CA GLU A 271 -11.16 -15.53 26.10
C GLU A 271 -10.67 -14.09 26.20
N ARG A 272 -10.01 -13.61 25.14
CA ARG A 272 -9.28 -12.33 25.23
C ARG A 272 -9.98 -11.21 24.47
N CYS A 273 -10.55 -11.52 23.32
CA CYS A 273 -11.16 -10.51 22.48
C CYS A 273 -12.53 -10.14 23.06
N GLY A 274 -12.66 -8.90 23.51
CA GLY A 274 -13.95 -8.34 23.90
C GLY A 274 -14.43 -7.46 22.77
N LYS A 275 -14.41 -6.15 23.03
CA LYS A 275 -14.88 -5.14 22.08
C LYS A 275 -14.42 -5.39 20.63
N GLY A 276 -13.15 -5.76 20.43
CA GLY A 276 -12.59 -6.01 19.07
C GLY A 276 -11.19 -6.65 19.04
N ASP A 277 -10.24 -6.01 18.36
CA ASP A 277 -8.81 -6.44 18.40
C ASP A 277 -8.29 -6.24 19.83
N VAL A 278 -7.32 -7.02 20.27
CA VAL A 278 -6.68 -6.81 21.56
C VAL A 278 -5.18 -7.09 21.47
N ARG A 279 -4.35 -6.39 22.24
CA ARG A 279 -2.89 -6.68 22.21
C ARG A 279 -2.58 -7.71 23.28
N ILE A 280 -1.80 -8.73 22.92
CA ILE A 280 -1.40 -9.77 23.85
C ILE A 280 0.10 -9.82 23.81
N ARG A 281 0.70 -10.67 24.65
CA ARG A 281 2.13 -10.92 24.57
C ARG A 281 2.37 -12.07 23.62
N PHE A 282 3.52 -12.04 22.96
CA PHE A 282 3.86 -13.06 22.00
C PHE A 282 3.88 -14.45 22.61
N GLN A 283 4.42 -14.60 23.83
CA GLN A 283 4.56 -15.93 24.42
C GLN A 283 3.22 -16.56 24.77
N GLU A 284 2.18 -15.74 24.86
CA GLU A 284 0.85 -16.25 25.23
C GLU A 284 0.34 -17.37 24.30
N PHE A 285 0.64 -17.29 23.02
CA PHE A 285 0.22 -18.37 22.12
C PHE A 285 0.84 -19.65 22.60
N MET A 286 2.15 -19.60 22.83
CA MET A 286 2.86 -20.75 23.39
C MET A 286 2.29 -21.25 24.71
N GLU A 287 1.89 -20.33 25.59
CA GLU A 287 1.33 -20.75 26.89
C GLU A 287 0.10 -21.62 26.72
N TYR A 288 -0.77 -21.19 25.81
CA TYR A 288 -2.00 -21.93 25.55
C TYR A 288 -1.69 -23.33 25.05
N MET A 289 -0.83 -23.38 24.05
CA MET A 289 -0.26 -24.59 23.50
C MET A 289 0.24 -25.52 24.61
N ARG A 290 1.14 -25.00 25.44
CA ARG A 290 1.71 -25.79 26.53
C ARG A 290 0.64 -26.30 27.51
N ILE A 291 -0.20 -25.39 27.97
CA ILE A 291 -1.22 -25.76 28.96
C ILE A 291 -2.33 -26.63 28.38
N MET A 292 -2.83 -26.33 27.19
CA MET A 292 -3.90 -27.13 26.61
C MET A 292 -3.45 -28.54 26.27
N ASN A 293 -2.17 -28.70 26.03
CA ASN A 293 -1.68 -29.98 25.57
C ASN A 293 -0.67 -30.62 26.51
N LYS A 294 -0.52 -30.04 27.69
CA LYS A 294 0.37 -30.58 28.71
C LYS A 294 1.74 -30.91 28.13
N ARG A 295 2.31 -29.98 27.39
CA ARG A 295 3.60 -30.16 26.77
C ARG A 295 4.49 -29.00 27.11
N SER A 296 5.78 -29.25 27.12
CA SER A 296 6.74 -28.17 27.33
C SER A 296 6.85 -27.29 26.08
N GLU A 297 7.46 -26.13 26.26
CA GLU A 297 7.74 -25.24 25.16
C GLU A 297 8.66 -25.87 24.13
N ARG A 298 9.69 -26.53 24.61
CA ARG A 298 10.63 -27.19 23.72
C ARG A 298 9.95 -28.31 22.91
N GLU A 299 8.99 -28.99 23.53
CA GLU A 299 8.24 -30.03 22.79
C GLU A 299 7.37 -29.43 21.70
N ILE A 300 6.70 -28.33 21.98
CA ILE A 300 5.85 -27.71 20.96
C ILE A 300 6.73 -27.13 19.86
N ARG A 301 7.85 -26.51 20.21
CA ARG A 301 8.82 -26.04 19.19
C ARG A 301 9.31 -27.13 18.25
N SER A 302 9.54 -28.32 18.77
CA SER A 302 10.03 -29.45 17.98
C SER A 302 8.94 -29.88 17.04
N LEU A 303 7.72 -29.93 17.53
CA LEU A 303 6.62 -30.30 16.65
C LEU A 303 6.43 -29.30 15.47
N LEU A 304 6.51 -28.02 15.78
CA LEU A 304 6.47 -26.95 14.79
C LEU A 304 7.60 -27.12 13.78
N ASN A 305 8.79 -27.46 14.25
CA ASN A 305 9.89 -27.72 13.31
C ASN A 305 9.52 -28.93 12.42
N TYR A 306 8.96 -29.97 13.01
CA TYR A 306 8.55 -31.15 12.24
C TYR A 306 7.47 -30.79 11.27
N LEU A 307 6.58 -29.88 11.66
CA LEU A 307 5.55 -29.40 10.72
C LEU A 307 6.20 -28.65 9.53
N TYR A 308 7.21 -27.82 9.77
CA TYR A 308 7.90 -27.19 8.64
C TYR A 308 8.61 -28.22 7.69
N LEU A 309 9.18 -29.28 8.27
CA LEU A 309 9.87 -30.28 7.47
C LEU A 309 8.89 -31.07 6.68
N PHE A 310 7.69 -31.29 7.25
CA PHE A 310 6.60 -31.87 6.49
C PHE A 310 6.23 -30.97 5.30
N GLY A 311 6.02 -29.70 5.54
CA GLY A 311 5.79 -28.79 4.42
C GLY A 311 6.86 -28.86 3.34
N GLU A 312 8.11 -29.04 3.73
CA GLU A 312 9.20 -29.16 2.76
C GLU A 312 8.94 -30.37 1.85
N TYR A 313 8.46 -31.43 2.48
CA TYR A 313 8.10 -32.65 1.82
C TYR A 313 6.95 -32.43 0.82
N VAL A 314 5.95 -31.68 1.23
CA VAL A 314 4.82 -31.38 0.38
C VAL A 314 5.28 -30.54 -0.83
N GLU A 315 6.12 -29.54 -0.60
CA GLU A 315 6.62 -28.71 -1.67
C GLU A 315 7.34 -29.64 -2.67
N ASN A 316 8.17 -30.54 -2.15
CA ASN A 316 8.88 -31.49 -3.03
C ASN A 316 7.92 -32.42 -3.79
N GLU A 317 6.89 -32.93 -3.12
CA GLU A 317 5.91 -33.82 -3.82
C GLU A 317 5.17 -33.07 -4.95
N LYS A 318 4.70 -31.87 -4.63
CA LYS A 318 4.04 -30.99 -5.60
C LYS A 318 4.92 -30.66 -6.80
N GLU A 319 6.18 -30.33 -6.52
CA GLU A 319 7.10 -29.95 -7.57
C GLU A 319 7.27 -31.11 -8.51
N LYS A 320 7.53 -32.32 -8.03
CA LYS A 320 7.87 -33.38 -9.00
C LYS A 320 6.71 -33.80 -9.91
N VAL A 321 5.48 -33.43 -9.53
CA VAL A 321 4.32 -33.85 -10.28
C VAL A 321 3.81 -32.68 -11.13
N GLY A 322 4.55 -31.56 -11.13
CA GLY A 322 4.27 -30.44 -12.04
C GLY A 322 3.37 -29.35 -11.49
N LYS A 323 3.04 -29.43 -10.20
CA LYS A 323 2.20 -28.44 -9.56
C LYS A 323 3.03 -27.30 -8.98
N VAL A 324 2.34 -26.24 -8.60
CA VAL A 324 2.98 -25.15 -7.86
C VAL A 324 3.36 -25.67 -6.47
N PRO A 325 4.66 -25.74 -6.15
CA PRO A 325 5.16 -26.28 -4.88
C PRO A 325 5.03 -25.35 -3.68
N PHE A 326 3.80 -24.94 -3.42
CA PHE A 326 3.46 -24.14 -2.27
C PHE A 326 2.77 -25.01 -1.23
N SER A 327 3.25 -24.92 0.01
CA SER A 327 2.75 -25.75 1.08
C SER A 327 2.17 -24.84 2.14
N TYR A 328 0.89 -25.05 2.46
CA TYR A 328 0.28 -24.32 3.59
C TYR A 328 0.83 -24.74 4.95
N CYS A 329 1.30 -25.99 5.03
CA CYS A 329 1.93 -26.47 6.25
C CYS A 329 3.24 -25.73 6.47
N SER A 330 4.01 -25.62 5.40
CA SER A 330 5.25 -24.88 5.44
C SER A 330 5.01 -23.39 5.80
N SER A 331 4.04 -22.81 5.14
CA SER A 331 3.71 -21.41 5.31
C SER A 331 3.24 -21.10 6.72
N VAL A 332 2.30 -21.90 7.19
CA VAL A 332 1.90 -21.82 8.59
C VAL A 332 3.00 -22.04 9.65
N ALA A 333 3.78 -23.11 9.53
CA ALA A 333 4.82 -23.34 10.53
C ALA A 333 5.84 -22.15 10.58
N SER A 334 6.19 -21.60 9.43
CA SER A 334 7.20 -20.55 9.43
C SER A 334 6.63 -19.30 10.10
N ARG A 335 5.34 -19.05 9.88
CA ARG A 335 4.69 -17.89 10.52
C ARG A 335 4.52 -18.11 12.04
N ILE A 336 4.28 -19.35 12.48
CA ILE A 336 4.05 -19.58 13.92
C ILE A 336 5.36 -19.44 14.65
N ILE A 337 6.39 -20.04 14.06
CA ILE A 337 7.74 -19.97 14.56
C ILE A 337 8.26 -18.54 14.56
N ALA A 338 8.09 -17.80 13.47
CA ALA A 338 8.54 -16.38 13.46
C ALA A 338 7.72 -15.53 14.45
N PHE A 339 6.45 -15.87 14.60
CA PHE A 339 5.56 -15.14 15.51
C PHE A 339 6.10 -15.16 16.90
N SER A 340 6.55 -16.33 17.34
CA SER A 340 7.06 -16.48 18.67
C SER A 340 8.46 -15.88 18.87
N ASP A 341 9.20 -15.59 17.80
CA ASP A 341 10.57 -15.04 17.96
C ASP A 341 10.66 -13.54 17.63
N GLN A 342 9.57 -12.80 17.77
CA GLN A 342 9.53 -11.46 17.18
C GLN A 342 10.01 -10.41 18.18
N ASP A 343 10.63 -9.35 17.69
CA ASP A 343 11.08 -8.25 18.55
C ASP A 343 9.90 -7.66 19.31
N GLU A 344 9.87 -7.90 20.61
CA GLU A 344 8.75 -7.48 21.46
C GLU A 344 8.56 -5.95 21.58
N GLU A 345 9.53 -5.16 21.11
CA GLU A 345 9.42 -3.72 21.21
C GLU A 345 8.92 -3.08 19.92
N LYS A 346 9.49 -3.51 18.81
CA LYS A 346 9.15 -2.97 17.51
C LYS A 346 7.87 -3.58 16.92
N TYR A 347 7.42 -4.70 17.48
CA TYR A 347 6.23 -5.43 17.02
C TYR A 347 5.25 -5.62 18.15
N ALA A 348 3.95 -5.66 17.82
CA ALA A 348 2.88 -5.96 18.77
C ALA A 348 2.17 -7.24 18.31
N ALA A 349 1.91 -8.13 19.27
CA ALA A 349 1.22 -9.37 19.07
C ALA A 349 -0.22 -8.98 19.21
N ILE A 350 -0.99 -9.19 18.14
CA ILE A 350 -2.37 -8.75 18.10
C ILE A 350 -3.29 -9.92 17.82
N LEU A 351 -4.36 -9.98 18.61
CA LEU A 351 -5.41 -10.97 18.50
C LEU A 351 -6.65 -10.31 17.98
N SER A 352 -7.24 -10.91 16.98
CA SER A 352 -8.45 -10.38 16.43
C SER A 352 -9.44 -11.50 16.16
N PRO A 353 -10.73 -11.23 16.46
CA PRO A 353 -11.84 -12.09 16.06
C PRO A 353 -12.21 -11.91 14.58
N GLU A 354 -11.85 -10.77 13.99
CA GLU A 354 -12.12 -10.52 12.57
C GLU A 354 -11.74 -11.72 11.74
N ASP A 355 -12.33 -11.76 10.54
CA ASP A 355 -12.04 -12.74 9.51
C ASP A 355 -11.96 -14.19 10.01
N GLY A 356 -12.83 -14.55 10.98
CA GLY A 356 -12.78 -15.88 11.66
C GLY A 356 -11.76 -16.08 12.81
N GLY A 357 -10.94 -15.08 13.11
CA GLY A 357 -9.91 -15.25 14.15
C GLY A 357 -8.50 -15.32 13.58
N TYR A 358 -7.64 -14.42 14.05
CA TYR A 358 -6.25 -14.52 13.73
C TYR A 358 -5.34 -13.89 14.79
N MET A 359 -4.07 -14.24 14.70
CA MET A 359 -3.04 -13.60 15.50
C MET A 359 -1.98 -12.99 14.58
N GLN A 360 -1.50 -11.83 14.98
CA GLN A 360 -0.69 -11.03 14.09
C GLN A 360 0.51 -10.46 14.80
N ALA A 361 1.64 -10.50 14.10
CA ALA A 361 2.79 -9.71 14.44
C ALA A 361 2.63 -8.42 13.64
N ALA A 362 2.13 -7.37 14.30
CA ALA A 362 1.95 -6.05 13.73
C ALA A 362 3.26 -5.29 13.83
N CYS A 363 3.88 -5.01 12.70
CA CYS A 363 5.10 -4.20 12.70
C CYS A 363 4.80 -2.75 13.08
N LEU A 364 5.27 -2.31 14.24
CA LEU A 364 4.99 -0.95 14.70
C LEU A 364 6.00 0.02 14.15
N ASP A 365 7.26 -0.41 14.03
CA ASP A 365 8.35 0.49 13.64
C ASP A 365 8.91 0.10 12.30
N PRO A 366 8.63 0.89 11.25
CA PRO A 366 9.05 0.40 9.93
C PRO A 366 10.50 0.68 9.56
N SER A 367 11.26 1.37 10.41
CA SER A 367 12.59 1.85 10.05
C SER A 367 13.53 0.71 9.66
N GLY A 368 13.35 -0.43 10.31
CA GLY A 368 14.07 -1.65 9.99
C GLY A 368 13.84 -2.19 8.60
N ILE A 369 12.59 -2.31 8.19
CA ILE A 369 12.29 -2.77 6.84
C ILE A 369 12.80 -1.76 5.79
N LEU A 370 12.65 -0.47 6.07
CA LEU A 370 12.90 0.57 5.10
C LEU A 370 14.40 0.80 4.94
N GLU A 371 15.19 0.30 5.90
CA GLU A 371 16.61 0.61 5.97
C GLU A 371 17.43 0.19 4.77
N VAL A 372 17.07 -0.90 4.08
CA VAL A 372 17.87 -1.31 2.92
C VAL A 372 17.89 -0.23 1.84
N LEU A 373 16.86 0.59 1.81
CA LEU A 373 16.76 1.70 0.85
C LEU A 373 17.85 2.76 1.00
N LYS A 374 18.49 2.80 2.17
CA LYS A 374 19.62 3.69 2.38
C LYS A 374 20.86 3.23 1.62
N GLU A 375 20.90 2.00 1.15
CA GLU A 375 22.01 1.55 0.33
C GLU A 375 21.98 2.17 -1.07
N SER A 376 20.82 2.68 -1.48
CA SER A 376 20.70 3.39 -2.74
C SER A 376 20.55 4.86 -2.44
N LYS A 377 20.68 5.68 -3.47
CA LYS A 377 20.15 7.04 -3.38
C LYS A 377 18.61 7.01 -3.47
N THR A 378 17.93 7.72 -2.56
CA THR A 378 16.46 7.77 -2.59
C THR A 378 15.93 9.23 -2.80
N ILE A 379 14.81 9.35 -3.50
CA ILE A 379 14.04 10.59 -3.60
C ILE A 379 12.63 10.34 -3.09
N HIS A 380 12.26 11.06 -2.03
CA HIS A 380 10.99 10.89 -1.32
C HIS A 380 10.11 12.02 -1.71
N MET A 381 9.07 11.75 -2.50
CA MET A 381 8.15 12.75 -3.01
CA MET A 381 8.16 12.80 -2.94
C MET A 381 6.74 12.56 -2.44
N SER A 382 6.10 13.66 -2.04
CA SER A 382 4.72 13.63 -1.63
C SER A 382 4.19 15.05 -1.59
N GLY A 383 2.87 15.20 -1.60
CA GLY A 383 2.27 16.49 -1.34
C GLY A 383 2.13 16.71 0.16
N THR A 384 2.38 15.66 0.90
CA THR A 384 1.74 15.52 2.20
C THR A 384 2.75 14.85 3.13
N LEU A 385 3.81 15.58 3.48
CA LEU A 385 4.78 15.00 4.38
C LEU A 385 5.50 15.91 5.43
N ASP A 386 5.32 17.23 5.40
CA ASP A 386 5.79 18.11 6.51
C ASP A 386 4.83 17.88 7.67
N PRO A 387 5.31 17.89 8.94
CA PRO A 387 6.62 18.13 9.54
C PRO A 387 7.60 16.98 9.32
N PHE A 388 8.72 17.33 8.69
CA PHE A 388 9.66 16.36 8.25
C PHE A 388 10.26 15.60 9.41
N ASP A 389 10.51 16.30 10.51
CA ASP A 389 10.93 15.69 11.74
C ASP A 389 10.14 14.41 12.05
N PHE A 390 8.84 14.43 11.79
CA PHE A 390 7.98 13.31 12.09
C PHE A 390 8.34 12.19 11.11
N TYR A 391 8.33 12.48 9.81
CA TYR A 391 8.74 11.50 8.81
C TYR A 391 10.10 10.89 9.14
N SER A 392 11.09 11.72 9.45
CA SER A 392 12.44 11.27 9.76
C SER A 392 12.46 10.30 10.93
N ASP A 393 11.86 10.65 12.05
CA ASP A 393 11.83 9.73 13.19
C ASP A 393 11.20 8.38 12.82
N ILE A 394 10.12 8.46 12.06
CA ILE A 394 9.30 7.29 11.81
C ILE A 394 9.94 6.35 10.82
N THR A 395 10.50 6.92 9.74
CA THR A 395 11.10 6.12 8.66
C THR A 395 12.57 5.82 8.97
N GLY A 396 13.19 6.64 9.83
CA GLY A 396 14.63 6.56 10.14
C GLY A 396 15.49 7.32 9.11
N PHE A 397 14.84 8.06 8.20
CA PHE A 397 15.55 8.77 7.15
C PHE A 397 15.91 10.17 7.64
N GLU A 398 17.21 10.45 7.71
CA GLU A 398 17.73 11.75 8.15
C GLU A 398 18.35 12.43 6.92
N ILE A 399 17.52 13.14 6.17
CA ILE A 399 17.94 13.58 4.85
C ILE A 399 17.45 14.99 4.63
N PRO A 400 18.07 15.71 3.71
CA PRO A 400 17.64 17.06 3.50
C PRO A 400 16.18 17.11 3.04
N PHE A 401 15.49 18.16 3.44
CA PHE A 401 14.08 18.38 3.10
C PHE A 401 13.80 19.77 2.55
N LYS A 402 12.85 19.84 1.61
CA LYS A 402 12.40 21.12 1.08
C LYS A 402 10.88 21.08 0.86
N LYS A 403 10.18 22.09 1.34
CA LYS A 403 8.76 22.24 1.10
C LYS A 403 8.54 23.29 0.01
N ILE A 404 7.89 22.89 -1.08
CA ILE A 404 7.30 23.80 -2.03
C ILE A 404 5.91 24.04 -1.48
N GLY A 405 5.65 25.24 -1.05
CA GLY A 405 4.33 25.59 -0.56
C GLY A 405 3.41 25.75 -1.74
N GLU A 406 2.59 26.78 -1.68
CA GLU A 406 1.47 26.90 -2.59
C GLU A 406 1.91 27.58 -3.88
N ILE A 407 1.47 26.99 -4.99
CA ILE A 407 1.93 27.31 -6.31
C ILE A 407 0.81 27.94 -7.09
N PHE A 408 -0.41 27.85 -6.58
CA PHE A 408 -1.59 28.25 -7.31
C PHE A 408 -2.27 29.38 -6.58
N PRO A 409 -3.13 30.14 -7.29
CA PRO A 409 -3.63 31.34 -6.62
C PRO A 409 -4.41 30.98 -5.35
N PRO A 410 -4.00 31.52 -4.17
CA PRO A 410 -4.63 31.22 -2.91
C PRO A 410 -6.10 31.59 -2.84
N GLU A 411 -6.51 32.59 -3.61
CA GLU A 411 -7.92 33.00 -3.66
C GLU A 411 -8.82 32.01 -4.42
N ASN A 412 -8.25 31.04 -5.12
CA ASN A 412 -9.05 30.05 -5.86
C ASN A 412 -9.41 28.84 -4.97
N ARG A 413 -8.99 28.86 -3.71
CA ARG A 413 -9.24 27.76 -2.80
C ARG A 413 -9.71 28.29 -1.46
N TYR A 414 -10.88 27.82 -1.03
CA TYR A 414 -11.44 28.13 0.29
C TYR A 414 -11.42 26.86 1.15
N ILE A 415 -10.59 26.84 2.20
CA ILE A 415 -10.65 25.80 3.21
C ILE A 415 -11.16 26.40 4.53
N ALA A 416 -12.14 25.74 5.14
CA ALA A 416 -12.72 26.25 6.37
C ALA A 416 -13.11 25.14 7.34
N TYR A 417 -13.30 25.49 8.60
CA TYR A 417 -13.85 24.55 9.57
C TYR A 417 -15.00 25.19 10.31
N TYR A 418 -16.00 24.37 10.61
CA TYR A 418 -17.20 24.77 11.31
C TYR A 418 -17.22 24.00 12.59
N ASP A 419 -17.59 24.65 13.68
CA ASP A 419 -17.51 24.04 15.00
C ASP A 419 -18.86 23.60 15.61
N GLY A 420 -19.94 23.63 14.85
CA GLY A 420 -21.24 23.24 15.38
C GLY A 420 -21.46 21.76 15.67
N VAL A 421 -20.63 20.90 15.08
CA VAL A 421 -20.77 19.44 15.20
C VAL A 421 -19.43 18.73 15.36
N ASP A 429 -23.15 10.90 19.35
CA ASP A 429 -24.48 11.16 19.86
C ASP A 429 -25.56 11.18 18.78
N GLU A 430 -26.81 10.95 19.20
CA GLU A 430 -27.96 10.91 18.31
C GLU A 430 -28.40 12.31 17.86
N LYS A 431 -28.28 13.28 18.76
CA LYS A 431 -28.52 14.69 18.43
C LYS A 431 -27.35 15.20 17.55
N GLU A 432 -26.14 14.70 17.79
CA GLU A 432 -24.97 15.17 17.05
C GLU A 432 -25.03 14.78 15.57
N LEU A 433 -25.57 13.60 15.29
CA LEU A 433 -25.82 13.16 13.92
C LEU A 433 -26.82 14.06 13.22
N ASP A 434 -27.98 14.24 13.86
CA ASP A 434 -29.07 15.04 13.30
C ASP A 434 -28.58 16.43 12.92
N ARG A 435 -27.69 16.99 13.74
CA ARG A 435 -27.07 18.27 13.45
C ARG A 435 -26.14 18.12 12.27
N MET A 436 -25.29 17.10 12.33
CA MET A 436 -24.31 16.84 11.29
C MET A 436 -24.99 16.71 9.94
N ALA A 437 -26.13 16.02 9.90
CA ALA A 437 -26.90 15.84 8.66
C ALA A 437 -27.53 17.17 8.22
N THR A 438 -28.13 17.90 9.16
CA THR A 438 -28.77 19.17 8.82
C THR A 438 -27.75 20.11 8.19
N VAL A 439 -26.56 20.17 8.79
CA VAL A 439 -25.44 21.00 8.31
C VAL A 439 -24.95 20.58 6.93
N ILE A 440 -24.73 19.27 6.74
CA ILE A 440 -24.35 18.75 5.42
C ILE A 440 -25.41 19.09 4.38
N GLU A 441 -26.67 19.07 4.78
CA GLU A 441 -27.75 19.25 3.82
C GLU A 441 -27.78 20.68 3.33
N ASP A 442 -27.77 21.65 4.24
CA ASP A 442 -27.75 23.05 3.82
C ASP A 442 -26.59 23.31 2.85
N ILE A 443 -25.39 22.86 3.21
CA ILE A 443 -24.22 23.06 2.37
C ILE A 443 -24.49 22.52 0.98
N ILE A 444 -24.91 21.26 0.91
CA ILE A 444 -25.12 20.59 -0.38
C ILE A 444 -26.22 21.21 -1.22
N LEU A 445 -27.47 21.11 -0.76
CA LEU A 445 -28.61 21.71 -1.47
C LEU A 445 -28.37 23.16 -1.84
N LYS A 446 -27.82 23.94 -0.90
CA LYS A 446 -27.59 25.37 -1.12
C LYS A 446 -26.44 25.66 -2.10
N VAL A 447 -25.35 24.91 -2.01
CA VAL A 447 -24.17 25.17 -2.85
C VAL A 447 -24.25 24.57 -4.25
N LYS A 448 -24.97 23.46 -4.42
CA LYS A 448 -25.22 22.91 -5.75
C LYS A 448 -23.96 22.72 -6.61
N LYS A 449 -22.95 22.00 -6.08
CA LYS A 449 -21.74 21.70 -6.86
C LYS A 449 -21.15 20.31 -6.62
N ASN A 450 -20.31 19.86 -7.53
CA ASN A 450 -19.79 18.50 -7.49
C ASN A 450 -18.89 18.24 -6.29
N THR A 451 -19.43 17.42 -5.41
CA THR A 451 -18.97 17.29 -4.06
C THR A 451 -18.67 15.84 -3.76
N ILE A 452 -17.63 15.62 -2.97
CA ILE A 452 -17.50 14.36 -2.25
C ILE A 452 -17.36 14.62 -0.76
N VAL A 453 -18.25 13.98 0.02
CA VAL A 453 -18.22 14.00 1.48
C VAL A 453 -17.49 12.77 2.02
N TYR A 454 -16.41 13.03 2.76
CA TYR A 454 -15.62 11.97 3.38
C TYR A 454 -16.01 11.78 4.85
N PHE A 455 -16.28 10.54 5.22
CA PHE A 455 -16.65 10.19 6.59
C PHE A 455 -15.52 9.47 7.27
N PRO A 456 -15.47 9.57 8.60
CA PRO A 456 -14.45 8.81 9.29
C PRO A 456 -14.72 7.30 9.30
N SER A 457 -15.97 6.89 9.11
CA SER A 457 -16.37 5.49 9.26
C SER A 457 -17.52 5.19 8.34
N TYR A 458 -17.75 3.90 8.05
CA TYR A 458 -18.89 3.52 7.22
C TYR A 458 -20.17 3.70 8.06
N SER A 459 -20.09 3.33 9.34
CA SER A 459 -21.23 3.49 10.27
C SER A 459 -21.79 4.92 10.25
N LEU A 460 -20.90 5.90 10.41
CA LEU A 460 -21.31 7.29 10.40
C LEU A 460 -21.87 7.68 9.04
N MET A 461 -21.17 7.29 7.98
CA MET A 461 -21.68 7.49 6.60
C MET A 461 -23.13 7.05 6.48
N ASP A 462 -23.42 5.87 7.00
CA ASP A 462 -24.77 5.32 6.91
C ASP A 462 -25.74 6.03 7.83
N ARG A 463 -25.31 6.19 9.08
CA ARG A 463 -26.06 6.94 10.07
C ARG A 463 -26.46 8.28 9.52
N VAL A 464 -25.51 8.96 8.90
CA VAL A 464 -25.77 10.27 8.33
C VAL A 464 -26.62 10.17 7.08
N GLU A 465 -26.34 9.20 6.22
CA GLU A 465 -27.10 9.07 4.96
C GLU A 465 -28.64 8.95 5.13
N ASN A 466 -29.10 8.89 6.38
CA ASN A 466 -30.33 9.57 6.79
C ASN A 466 -30.08 10.32 8.14
N ARG A 467 -30.63 11.52 8.37
CA ARG A 467 -31.62 12.19 7.52
C ARG A 467 -31.02 12.61 6.19
N VAL A 468 -31.86 13.13 5.32
CA VAL A 468 -31.48 13.46 3.94
C VAL A 468 -32.79 13.94 3.27
N SER A 469 -32.90 13.95 1.93
CA SER A 469 -31.89 13.44 1.02
C SER A 469 -31.68 14.29 -0.21
N PHE A 470 -30.61 13.91 -0.90
CA PHE A 470 -30.29 14.36 -2.22
C PHE A 470 -29.78 13.09 -2.90
N GLU A 471 -29.77 13.06 -4.22
CA GLU A 471 -29.14 11.96 -4.92
C GLU A 471 -27.70 11.88 -4.39
N HIS A 472 -27.20 10.66 -4.20
CA HIS A 472 -25.79 10.49 -3.96
C HIS A 472 -25.38 9.09 -4.24
N MET A 473 -24.08 8.89 -4.36
CA MET A 473 -23.49 7.57 -4.57
C MET A 473 -22.62 7.24 -3.36
N LYS A 474 -22.22 5.97 -3.24
CA LYS A 474 -21.48 5.50 -2.06
C LYS A 474 -20.29 4.61 -2.41
N GLU A 475 -19.06 5.05 -2.10
CA GLU A 475 -17.91 4.14 -2.14
C GLU A 475 -18.08 3.12 -1.01
N TYR A 476 -18.89 2.09 -1.28
CA TYR A 476 -19.43 1.22 -0.24
C TYR A 476 -18.46 0.18 0.32
N ARG A 477 -18.99 -0.56 1.29
CA ARG A 477 -18.48 -1.86 1.77
C ARG A 477 -17.16 -2.37 1.14
N GLY A 478 -17.28 -3.39 0.30
CA GLY A 478 -16.14 -4.02 -0.34
C GLY A 478 -16.25 -3.82 -1.83
N ILE A 479 -16.26 -2.55 -2.25
CA ILE A 479 -15.95 -2.20 -3.62
C ILE A 479 -14.48 -2.59 -3.76
N ASP A 480 -14.01 -3.24 -4.82
CA ASP A 480 -14.73 -3.79 -6.01
C ASP A 480 -13.75 -3.67 -7.16
N GLN A 481 -13.06 -2.52 -7.20
CA GLN A 481 -12.01 -2.21 -8.17
C GLN A 481 -12.63 -1.87 -9.53
N LYS A 482 -13.38 -2.83 -10.07
CA LYS A 482 -14.18 -2.62 -11.28
C LYS A 482 -15.26 -1.55 -11.06
N GLU A 483 -16.04 -1.72 -9.98
CA GLU A 483 -17.19 -0.87 -9.69
C GLU A 483 -16.79 0.56 -9.31
N LEU A 484 -15.63 0.68 -8.66
CA LEU A 484 -15.03 1.97 -8.34
C LEU A 484 -14.83 2.81 -9.60
N TYR A 485 -14.47 2.17 -10.71
CA TYR A 485 -14.27 2.87 -11.98
C TYR A 485 -15.60 3.33 -12.58
N SER A 486 -16.58 2.43 -12.64
CA SER A 486 -17.91 2.81 -13.12
C SER A 486 -18.46 3.97 -12.29
N MET A 487 -18.22 3.92 -10.98
CA MET A 487 -18.66 4.98 -10.08
C MET A 487 -17.96 6.31 -10.37
N LEU A 488 -16.63 6.32 -10.41
CA LEU A 488 -15.87 7.55 -10.71
C LEU A 488 -16.36 8.16 -12.02
N LYS A 489 -16.47 7.32 -13.05
CA LYS A 489 -16.94 7.73 -14.37
C LYS A 489 -18.35 8.33 -14.34
N LYS A 490 -19.23 7.82 -13.49
CA LYS A 490 -20.57 8.41 -13.35
C LYS A 490 -20.43 9.83 -12.77
N PHE A 491 -19.73 9.92 -11.64
CA PHE A 491 -19.44 11.19 -11.00
C PHE A 491 -18.83 12.23 -11.93
N ARG A 492 -18.10 11.83 -12.98
CA ARG A 492 -17.57 12.84 -13.91
C ARG A 492 -18.49 13.14 -15.12
N ARG A 493 -19.78 12.81 -15.01
CA ARG A 493 -20.71 13.16 -16.09
C ARG A 493 -22.14 13.45 -15.60
N ASP A 494 -22.85 12.47 -15.03
CA ASP A 494 -24.16 12.78 -14.42
C ASP A 494 -23.84 12.99 -12.96
N HIS A 495 -23.41 14.21 -12.66
CA HIS A 495 -22.45 14.47 -11.59
C HIS A 495 -22.98 15.33 -10.47
N GLY A 496 -22.97 14.79 -9.25
CA GLY A 496 -23.37 15.53 -8.05
C GLY A 496 -22.55 15.13 -6.83
N THR A 497 -23.15 14.38 -5.90
CA THR A 497 -22.56 14.09 -4.57
C THR A 497 -22.09 12.64 -4.39
N ILE A 498 -20.87 12.47 -3.88
CA ILE A 498 -20.33 11.16 -3.56
C ILE A 498 -20.04 11.08 -2.04
N PHE A 499 -20.31 9.91 -1.47
CA PHE A 499 -20.02 9.59 -0.06
C PHE A 499 -18.92 8.56 -0.06
N ALA A 500 -17.98 8.66 0.87
CA ALA A 500 -16.90 7.71 0.95
C ALA A 500 -16.22 7.83 2.30
N VAL A 501 -15.33 6.89 2.60
CA VAL A 501 -14.63 6.87 3.88
C VAL A 501 -13.16 7.20 3.65
N SER A 502 -12.51 7.83 4.64
CA SER A 502 -11.12 8.28 4.46
C SER A 502 -10.13 7.14 4.21
N GLY A 503 -10.51 5.92 4.56
CA GLY A 503 -9.68 4.75 4.26
C GLY A 503 -9.65 4.31 2.80
N GLY A 504 -10.72 4.60 2.05
CA GLY A 504 -10.90 4.09 0.69
C GLY A 504 -9.99 4.69 -0.38
N ARG A 505 -10.20 4.24 -1.62
CA ARG A 505 -9.26 4.54 -2.71
C ARG A 505 -9.32 5.97 -3.26
N LEU A 506 -10.33 6.75 -2.86
CA LEU A 506 -10.31 8.20 -3.16
C LEU A 506 -9.34 8.95 -2.23
N ASN A 515 -15.35 22.53 -12.63
CA ASN A 515 -14.78 21.26 -13.06
C ASN A 515 -15.39 20.05 -12.31
N GLU A 516 -14.81 18.88 -12.55
CA GLU A 516 -15.16 17.63 -11.88
C GLU A 516 -15.35 17.70 -10.34
N LEU A 517 -14.33 18.17 -9.63
CA LEU A 517 -14.39 18.16 -8.17
C LEU A 517 -14.29 19.59 -7.73
N GLU A 518 -15.34 20.05 -7.05
CA GLU A 518 -15.43 21.44 -6.65
C GLU A 518 -15.53 21.60 -5.16
N MET A 519 -16.15 20.65 -4.50
CA MET A 519 -16.21 20.69 -3.07
C MET A 519 -15.96 19.35 -2.40
N ILE A 520 -15.35 19.42 -1.21
CA ILE A 520 -15.22 18.31 -0.31
C ILE A 520 -15.69 18.76 1.05
N ILE A 521 -16.49 17.91 1.69
CA ILE A 521 -16.97 18.14 3.04
C ILE A 521 -16.48 16.99 3.91
N LEU A 522 -15.65 17.32 4.90
CA LEU A 522 -15.22 16.27 5.84
C LEU A 522 -16.23 16.24 6.95
N ALA A 523 -17.09 15.22 6.94
CA ALA A 523 -18.08 15.00 7.99
C ALA A 523 -17.34 14.46 9.23
N GLY A 524 -16.61 15.35 9.89
CA GLY A 524 -15.79 14.97 11.02
C GLY A 524 -14.35 14.74 10.62
N LEU A 525 -13.48 14.71 11.61
CA LEU A 525 -12.07 14.57 11.35
C LEU A 525 -11.78 13.06 11.28
N PRO A 526 -11.02 12.61 10.26
CA PRO A 526 -10.76 11.18 10.08
C PRO A 526 -9.67 10.68 11.02
N PHE A 527 -9.89 10.82 12.32
CA PHE A 527 -8.97 10.27 13.29
C PHE A 527 -8.95 8.74 13.13
N PRO A 528 -7.82 8.10 13.45
CA PRO A 528 -7.79 6.64 13.39
C PRO A 528 -8.65 6.02 14.49
N ARG A 529 -9.16 4.81 14.27
CA ARG A 529 -9.82 4.01 15.31
C ARG A 529 -8.92 3.76 16.52
N PRO A 530 -9.48 3.88 17.74
CA PRO A 530 -8.67 3.60 18.92
C PRO A 530 -8.52 2.09 19.18
N ASP A 531 -8.18 1.32 18.15
CA ASP A 531 -7.99 -0.12 18.27
C ASP A 531 -6.60 -0.47 18.81
N ALA A 532 -6.34 -1.76 18.94
CA ALA A 532 -5.14 -2.28 19.56
C ALA A 532 -3.87 -1.85 18.82
N ILE A 533 -3.90 -1.93 17.50
CA ILE A 533 -2.74 -1.57 16.70
C ILE A 533 -2.40 -0.11 16.96
N ASN A 534 -3.38 0.77 16.79
CA ASN A 534 -3.21 2.21 17.02
C ASN A 534 -2.80 2.60 18.44
N ARG A 535 -3.31 1.91 19.43
CA ARG A 535 -2.83 2.11 20.79
C ARG A 535 -1.39 1.58 20.94
N SER A 536 -1.07 0.52 20.21
CA SER A 536 0.30 0.03 20.22
C SER A 536 1.25 1.06 19.63
N LEU A 537 0.83 1.69 18.53
CA LEU A 537 1.64 2.72 17.88
C LEU A 537 1.77 3.90 18.81
N PHE A 538 0.66 4.32 19.44
CA PHE A 538 0.68 5.40 20.42
C PHE A 538 1.69 5.10 21.51
N ASP A 539 1.51 3.97 22.19
CA ASP A 539 2.48 3.59 23.22
C ASP A 539 3.95 3.55 22.71
N TYR A 540 4.15 3.06 21.49
CA TYR A 540 5.50 2.95 20.93
C TYR A 540 6.16 4.33 20.81
N TYR A 541 5.44 5.29 20.22
CA TYR A 541 6.03 6.60 20.00
C TYR A 541 6.04 7.42 21.29
N GLU A 542 5.14 7.14 22.23
CA GLU A 542 5.19 7.75 23.54
C GLU A 542 6.42 7.31 24.33
N ARG A 543 6.61 6.01 24.48
CA ARG A 543 7.84 5.51 25.11
C ARG A 543 9.11 6.01 24.39
N LYS A 544 9.12 6.01 23.07
CA LYS A 544 10.34 6.33 22.34
C LYS A 544 10.66 7.83 22.29
N TYR A 545 9.63 8.65 22.11
CA TYR A 545 9.84 10.09 21.84
C TYR A 545 8.96 11.03 22.66
N GLY A 546 8.10 10.50 23.53
CA GLY A 546 7.10 11.33 24.23
C GLY A 546 6.24 12.09 23.24
N LYS A 547 5.90 11.43 22.14
CA LYS A 547 5.04 12.01 21.11
C LYS A 547 4.07 10.97 20.53
N GLY A 548 3.46 10.17 21.41
CA GLY A 548 2.46 9.21 21.00
C GLY A 548 1.31 9.83 20.25
N TRP A 549 0.78 10.92 20.79
CA TRP A 549 -0.35 11.63 20.19
C TRP A 549 0.04 12.25 18.86
N GLU A 550 1.20 12.88 18.80
CA GLU A 550 1.64 13.56 17.58
C GLU A 550 1.85 12.56 16.42
N TYR A 551 2.55 11.47 16.70
CA TYR A 551 2.95 10.53 15.66
C TYR A 551 1.87 9.51 15.30
N SER A 552 1.11 9.00 16.27
CA SER A 552 0.09 7.98 15.98
C SER A 552 -1.30 8.54 15.68
N VAL A 553 -1.54 9.80 15.96
CA VAL A 553 -2.88 10.33 15.76
C VAL A 553 -2.85 11.57 14.86
N VAL A 554 -2.10 12.58 15.27
CA VAL A 554 -2.10 13.85 14.57
C VAL A 554 -1.54 13.75 13.14
N TYR A 555 -0.32 13.25 13.03
CA TYR A 555 0.35 13.16 11.76
C TYR A 555 -0.40 12.28 10.76
N PRO A 556 -0.85 11.07 11.16
CA PRO A 556 -1.60 10.35 10.13
C PRO A 556 -2.87 11.06 9.71
N THR A 557 -3.53 11.74 10.64
CA THR A 557 -4.80 12.39 10.33
C THR A 557 -4.59 13.59 9.42
N ALA A 558 -3.65 14.48 9.77
CA ALA A 558 -3.25 15.56 8.87
C ALA A 558 -2.98 15.07 7.42
N ILE A 559 -2.29 13.94 7.28
CA ILE A 559 -1.94 13.37 5.98
C ILE A 559 -3.20 12.99 5.22
N LYS A 560 -4.06 12.22 5.86
CA LYS A 560 -5.39 11.91 5.31
C LYS A 560 -6.09 13.17 4.81
N ILE A 561 -6.13 14.23 5.64
CA ILE A 561 -6.90 15.43 5.36
C ILE A 561 -6.36 16.17 4.14
N ARG A 562 -5.05 16.33 4.12
CA ARG A 562 -4.38 16.98 3.02
C ARG A 562 -4.41 16.24 1.72
N GLN A 563 -4.36 14.90 1.78
CA GLN A 563 -4.48 14.12 0.54
C GLN A 563 -5.84 14.36 -0.11
N GLU A 564 -6.88 14.38 0.70
CA GLU A 564 -8.23 14.66 0.21
C GLU A 564 -8.41 16.11 -0.33
N ILE A 565 -7.97 17.08 0.47
CA ILE A 565 -8.00 18.47 0.07
C ILE A 565 -7.19 18.65 -1.22
N GLY A 566 -5.98 18.08 -1.23
CA GLY A 566 -5.09 18.11 -2.38
C GLY A 566 -5.69 17.79 -3.74
N ARG A 567 -6.72 16.95 -3.79
CA ARG A 567 -7.37 16.63 -5.07
C ARG A 567 -8.27 17.73 -5.63
N LEU A 568 -8.42 18.83 -4.89
CA LEU A 568 -9.37 19.89 -5.25
C LEU A 568 -8.82 20.83 -6.33
N ILE A 569 -7.51 21.12 -6.28
CA ILE A 569 -6.86 22.09 -7.15
C ILE A 569 -5.64 21.45 -7.85
N ARG A 570 -5.71 21.27 -9.16
CA ARG A 570 -4.61 20.68 -9.92
C ARG A 570 -4.26 21.53 -11.14
N SER A 571 -4.31 22.86 -10.97
CA SER A 571 -4.11 23.83 -12.05
C SER A 571 -4.25 25.28 -11.53
N ALA A 572 -3.60 26.22 -12.19
CA ALA A 572 -3.73 27.64 -11.78
C ALA A 572 -5.16 28.19 -11.91
N GLU A 573 -5.98 27.60 -12.79
CA GLU A 573 -7.33 28.10 -13.03
C GLU A 573 -8.40 27.22 -12.39
N ASP A 574 -7.97 26.19 -11.65
CA ASP A 574 -8.90 25.27 -10.99
C ASP A 574 -9.47 25.91 -9.71
N THR A 575 -10.73 25.61 -9.42
CA THR A 575 -11.48 26.22 -8.32
C THR A 575 -11.95 25.11 -7.36
N GLY A 576 -12.06 25.44 -6.07
CA GLY A 576 -12.51 24.47 -5.09
C GLY A 576 -12.61 24.90 -3.63
N ALA A 577 -13.62 24.37 -2.94
CA ALA A 577 -13.82 24.59 -1.51
C ALA A 577 -13.81 23.28 -0.71
N CYS A 578 -13.23 23.35 0.48
CA CYS A 578 -13.34 22.27 1.46
C CYS A 578 -13.79 22.81 2.82
N VAL A 579 -14.78 22.19 3.43
CA VAL A 579 -15.19 22.51 4.81
C VAL A 579 -15.07 21.28 5.72
N ILE A 580 -14.58 21.50 6.93
CA ILE A 580 -14.38 20.44 7.88
C ILE A 580 -15.42 20.67 8.97
N LEU A 581 -16.30 19.69 9.15
CA LEU A 581 -17.37 19.82 10.12
C LEU A 581 -16.87 19.17 11.41
N ASP A 582 -16.07 19.93 12.15
CA ASP A 582 -15.50 19.42 13.39
C ASP A 582 -14.87 20.51 14.26
N LYS A 583 -15.30 20.59 15.52
CA LYS A 583 -14.76 21.52 16.53
C LYS A 583 -13.24 21.47 16.60
N ARG A 584 -12.71 20.24 16.51
CA ARG A 584 -11.30 19.99 16.79
C ARG A 584 -10.35 20.29 15.64
N ALA A 585 -10.80 21.05 14.63
CA ALA A 585 -10.07 21.24 13.36
C ALA A 585 -8.98 22.31 13.44
N GLY A 586 -9.19 23.29 14.31
CA GLY A 586 -8.21 24.33 14.56
C GLY A 586 -6.85 23.78 14.92
N GLN A 587 -6.84 22.71 15.72
CA GLN A 587 -5.65 21.88 15.97
C GLN A 587 -4.76 21.53 14.74
N PHE A 588 -5.38 21.38 13.56
CA PHE A 588 -4.64 21.07 12.32
C PHE A 588 -4.18 22.29 11.50
N ARG A 589 -4.39 23.50 12.00
CA ARG A 589 -3.89 24.67 11.29
C ARG A 589 -2.41 24.61 11.00
N LYS A 590 -1.65 24.05 11.94
CA LYS A 590 -0.19 23.87 11.80
C LYS A 590 0.21 22.93 10.65
N PHE A 591 -0.77 22.21 10.08
CA PHE A 591 -0.65 21.46 8.81
C PHE A 591 -1.54 21.98 7.70
N ILE A 592 -2.41 22.95 7.98
CA ILE A 592 -3.28 23.55 6.96
C ILE A 592 -3.39 25.06 7.16
N PRO A 593 -2.24 25.79 7.24
CA PRO A 593 -2.13 27.18 7.80
C PRO A 593 -3.06 28.29 7.24
N ASP A 594 -3.80 27.97 6.17
CA ASP A 594 -4.59 28.93 5.39
C ASP A 594 -6.09 28.73 5.65
N MET A 595 -6.38 27.88 6.62
CA MET A 595 -7.72 27.46 6.90
C MET A 595 -8.48 28.47 7.73
N LYS A 596 -9.66 28.83 7.24
CA LYS A 596 -10.56 29.74 7.90
C LYS A 596 -11.48 29.00 8.86
N LYS A 597 -12.02 29.72 9.84
CA LYS A 597 -13.11 29.20 10.66
C LYS A 597 -14.40 29.80 10.13
N THR A 598 -15.46 28.98 10.11
CA THR A 598 -16.77 29.46 9.68
C THR A 598 -17.84 29.11 10.71
N SER A 599 -18.90 29.93 10.75
CA SER A 599 -20.05 29.77 11.66
C SER A 599 -21.36 29.50 10.91
N ASP A 600 -21.39 29.79 9.62
CA ASP A 600 -22.36 29.18 8.72
C ASP A 600 -21.72 28.93 7.33
N PRO A 601 -21.18 27.72 7.13
CA PRO A 601 -20.42 27.37 5.93
C PRO A 601 -21.27 27.30 4.66
N ALA A 602 -22.55 27.03 4.81
CA ALA A 602 -23.50 27.09 3.69
C ALA A 602 -23.34 28.36 2.85
N SER A 603 -23.41 29.52 3.47
CA SER A 603 -23.40 30.77 2.73
C SER A 603 -21.96 31.18 2.44
N ASP A 604 -21.09 31.07 3.45
CA ASP A 604 -19.68 31.32 3.26
C ASP A 604 -19.18 30.62 1.98
N ILE A 605 -19.46 29.33 1.83
CA ILE A 605 -18.98 28.58 0.67
C ILE A 605 -19.65 29.06 -0.61
N TYR A 606 -20.97 29.20 -0.54
CA TYR A 606 -21.80 29.70 -1.65
C TYR A 606 -21.28 31.01 -2.27
N ASN A 607 -20.85 31.92 -1.40
CA ASN A 607 -20.34 33.21 -1.81
C ASN A 607 -18.97 33.07 -2.44
N PHE A 608 -18.15 32.15 -1.91
CA PHE A 608 -16.82 31.88 -2.49
C PHE A 608 -16.88 31.52 -3.98
N PHE A 609 -17.86 30.69 -4.35
CA PHE A 609 -17.94 30.23 -5.75
C PHE A 609 -18.46 31.33 -6.67
N ILE A 610 -19.24 32.25 -6.12
CA ILE A 610 -19.62 33.48 -6.83
C ILE A 610 -18.39 34.31 -7.22
N SER A 611 -17.57 34.66 -6.23
CA SER A 611 -16.33 35.43 -6.47
C SER A 611 -15.50 34.83 -7.59
N ALA A 612 -15.16 33.54 -7.47
CA ALA A 612 -14.30 32.85 -8.44
C ALA A 612 -14.91 32.82 -9.86
N GLN A 613 -16.24 32.87 -9.95
CA GLN A 613 -16.95 32.95 -11.23
C GLN A 613 -16.71 34.29 -11.96
N ALA A 614 -16.21 35.29 -11.24
CA ALA A 614 -16.00 36.65 -11.78
C ALA A 614 -14.95 36.72 -12.90
N ARG A 615 -14.04 35.74 -12.96
CA ARG A 615 -13.14 35.59 -14.11
C ARG A 615 -13.10 34.14 -14.57
#